data_5V4W
#
_entry.id   5V4W
#
_cell.length_a   49.709
_cell.length_b   78.873
_cell.length_c   120.333
_cell.angle_alpha   90.00
_cell.angle_beta   90.00
_cell.angle_gamma   90.00
#
_symmetry.space_group_name_H-M   'P 21 21 21'
#
loop_
_entity.id
_entity.type
_entity.pdbx_description
1 polymer Glucokinase
2 non-polymer alpha-D-glucopyranose
3 non-polymer (2S)-2-[4-(cyclopropylsulfonyl)-1H-indazol-1-yl]-N-(5-fluoro-1,3-thiazol-2-yl)-3-(oxan-4-yl)propanamide
4 non-polymer 'IODIDE ION'
5 water water
#
_entity_poly.entity_id   1
_entity_poly.type   'polypeptide(L)'
_entity_poly.pdbx_seq_one_letter_code
;MLPQPNSQVEQILAEFQLQEEDLKKVMRRMQKEMDRGLRLETHEEASVKMLPTYVRSTPEGSEVGDFLSLDLGGTNFRVM
LVKVGEGEEGQWSVKTKHQMYSIPEDAMTGTAEMLFDYISECISDFLDKHQMKHKKLPLGFTFSFPVRHEDIDKGILLNW
TKGFKASGAEGNNVVGLLRDAIKRRGDFEMDVVAMVNDTVATMISCYYEDHQCEVGMIVGTGCNACYMEEMQNVELVEGD
EGRMCVNTEWGAFGDSGELDEFLLEYDRLVDESSANPGQQLYEKLIGGKYMGELVRLVLLRLVDENLLFHGEASEQLRTR
GAFETRFVSQVESDTGDRKQIYNILSTLGLRPSTTDCDIVRRACESVSTRAAHMCSAGLAGVINRMRESRSEDVMRITVG
VDGSVYKLHPSFKERFHASVRRLTPSCEITFIESEEGSGRGAALVSAVACKKACMLGQ
;
_entity_poly.pdbx_strand_id   A
#
loop_
_chem_comp.id
_chem_comp.type
_chem_comp.name
_chem_comp.formula
8WM non-polymer (2S)-2-[4-(cyclopropylsulfonyl)-1H-indazol-1-yl]-N-(5-fluoro-1,3-thiazol-2-yl)-3-(oxan-4-yl)propanamide 'C21 H23 F N4 O4 S2'
GLC D-saccharide, alpha linking alpha-D-glucopyranose 'C6 H12 O6'
IOD non-polymer 'IODIDE ION' 'I -1'
#
# COMPACT_ATOMS: atom_id res chain seq x y z
N LEU A 2 29.93 -12.94 10.04
CA LEU A 2 30.15 -12.10 8.81
C LEU A 2 31.60 -11.62 8.67
N PRO A 3 32.08 -11.45 7.43
CA PRO A 3 33.49 -11.11 7.21
C PRO A 3 33.81 -9.63 7.35
N GLN A 4 35.11 -9.29 7.37
CA GLN A 4 35.56 -7.90 7.31
C GLN A 4 35.14 -7.28 5.96
N PRO A 5 34.27 -6.24 5.99
CA PRO A 5 33.77 -5.66 4.74
C PRO A 5 34.80 -4.81 3.97
N ASN A 6 34.64 -4.72 2.65
CA ASN A 6 35.43 -3.81 1.80
C ASN A 6 35.15 -2.36 2.20
N SER A 7 36.22 -1.58 2.40
CA SER A 7 36.14 -0.23 2.93
C SER A 7 35.55 0.78 1.94
N GLN A 8 35.91 0.65 0.66
CA GLN A 8 35.45 1.60 -0.39
C GLN A 8 34.02 1.37 -0.86
N VAL A 9 33.57 0.12 -0.79
CA VAL A 9 32.17 -0.23 -1.03
C VAL A 9 31.30 0.34 0.10
N GLU A 10 31.70 0.15 1.36
CA GLU A 10 30.89 0.61 2.49
C GLU A 10 30.77 2.13 2.51
N GLN A 11 31.76 2.81 1.95
CA GLN A 11 31.77 4.27 1.90
C GLN A 11 30.72 4.80 0.94
N ILE A 12 30.50 4.07 -0.14
CA ILE A 12 29.46 4.40 -1.10
C ILE A 12 28.09 4.04 -0.54
N LEU A 13 27.99 2.88 0.10
CA LEU A 13 26.72 2.42 0.69
C LEU A 13 26.28 3.18 1.96
N ALA A 14 27.23 3.81 2.64
CA ALA A 14 26.91 4.60 3.84
C ALA A 14 26.07 5.86 3.56
N GLU A 15 26.10 6.35 2.32
CA GLU A 15 25.25 7.47 1.89
C GLU A 15 23.74 7.25 2.12
N PHE A 16 23.32 5.99 2.11
CA PHE A 16 21.94 5.60 2.34
C PHE A 16 21.52 5.65 3.80
N GLN A 17 22.48 5.82 4.71
CA GLN A 17 22.18 5.86 6.15
C GLN A 17 21.36 7.09 6.55
N LEU A 18 20.36 6.85 7.39
CA LEU A 18 19.55 7.90 8.00
C LEU A 18 19.58 7.77 9.51
N GLN A 19 20.16 8.77 10.18
CA GLN A 19 20.25 8.77 11.64
C GLN A 19 18.93 9.28 12.22
N GLU A 20 18.73 9.06 13.52
CA GLU A 20 17.51 9.47 14.21
C GLU A 20 17.16 10.95 14.00
N GLU A 21 18.14 11.85 14.18
CA GLU A 21 17.96 13.29 13.96
C GLU A 21 17.36 13.65 12.58
N ASP A 22 17.82 12.97 11.53
CA ASP A 22 17.36 13.14 10.15
C ASP A 22 15.91 12.68 10.05
N LEU A 23 15.62 11.54 10.66
CA LEU A 23 14.28 11.01 10.65
C LEU A 23 13.33 11.88 11.47
N LYS A 24 13.84 12.50 12.54
CA LYS A 24 13.04 13.45 13.30
C LYS A 24 12.70 14.66 12.43
N LYS A 25 13.67 15.14 11.64
CA LYS A 25 13.42 16.27 10.71
C LYS A 25 12.32 15.93 9.71
N VAL A 26 12.45 14.78 9.07
CA VAL A 26 11.51 14.32 8.04
C VAL A 26 10.10 14.20 8.62
N MET A 27 10.01 13.55 9.77
CA MET A 27 8.76 13.34 10.48
C MET A 27 8.09 14.68 10.83
N ARG A 28 8.90 15.62 11.27
CA ARG A 28 8.47 16.94 11.66
C ARG A 28 7.95 17.68 10.41
N ARG A 29 8.66 17.52 9.29
CA ARG A 29 8.23 18.08 8.01
C ARG A 29 6.93 17.46 7.49
N MET A 30 6.80 16.15 7.64
CA MET A 30 5.57 15.45 7.29
C MET A 30 4.38 15.96 8.10
N GLN A 31 4.59 16.23 9.39
CA GLN A 31 3.50 16.74 10.24
C GLN A 31 3.01 18.14 9.84
N LYS A 32 3.94 19.03 9.46
CA LYS A 32 3.57 20.34 8.97
C LYS A 32 2.73 20.23 7.71
N GLU A 33 3.12 19.32 6.83
CA GLU A 33 2.44 19.12 5.57
C GLU A 33 1.01 18.56 5.78
N MET A 34 0.85 17.68 6.77
CA MET A 34 -0.45 17.13 7.14
C MET A 34 -1.37 18.18 7.75
N ASP A 35 -0.81 19.05 8.60
CA ASP A 35 -1.50 20.24 9.09
C ASP A 35 -2.02 21.12 7.97
N ARG A 36 -1.21 21.37 6.95
CA ARG A 36 -1.65 22.17 5.81
C ARG A 36 -2.82 21.52 5.09
N GLY A 37 -2.77 20.19 4.93
CA GLY A 37 -3.80 19.44 4.21
C GLY A 37 -5.16 19.42 4.88
N LEU A 38 -5.15 19.46 6.20
CA LEU A 38 -6.37 19.39 7.00
C LEU A 38 -7.12 20.73 7.13
N ARG A 39 -6.41 21.83 6.95
CA ARG A 39 -7.00 23.16 7.08
C ARG A 39 -7.66 23.66 5.80
N LEU A 40 -8.79 24.31 5.95
CA LEU A 40 -9.53 24.88 4.81
C LEU A 40 -8.66 25.84 3.99
N GLU A 41 -8.04 26.80 4.68
CA GLU A 41 -7.30 27.90 4.04
C GLU A 41 -6.14 27.45 3.16
N THR A 42 -5.49 26.35 3.53
CA THR A 42 -4.33 25.83 2.82
C THR A 42 -4.55 24.47 2.09
N HIS A 43 -5.71 23.84 2.25
CA HIS A 43 -5.94 22.53 1.64
C HIS A 43 -5.69 22.46 0.12
N GLU A 44 -6.20 23.45 -0.63
CA GLU A 44 -6.12 23.47 -2.08
C GLU A 44 -4.68 23.50 -2.56
N GLU A 45 -3.82 24.20 -1.81
CA GLU A 45 -2.40 24.27 -2.14
C GLU A 45 -1.54 23.17 -1.51
N ALA A 46 -2.09 22.44 -0.52
CA ALA A 46 -1.28 21.45 0.19
C ALA A 46 -0.88 20.29 -0.71
N SER A 47 0.34 19.80 -0.55
CA SER A 47 0.84 18.69 -1.37
C SER A 47 0.29 17.37 -0.85
N VAL A 48 0.21 17.27 0.49
CA VAL A 48 -0.30 16.12 1.21
C VAL A 48 -1.77 16.43 1.53
N LYS A 49 -2.65 15.84 0.73
CA LYS A 49 -4.07 16.24 0.66
C LYS A 49 -4.97 15.94 1.86
N MET A 50 -4.67 14.93 2.66
CA MET A 50 -5.44 14.68 3.87
C MET A 50 -6.95 14.58 3.59
N LEU A 51 -7.29 13.81 2.56
CA LEU A 51 -8.66 13.64 2.08
C LEU A 51 -9.59 12.99 3.10
N PRO A 52 -10.71 13.67 3.40
CA PRO A 52 -11.72 13.06 4.25
C PRO A 52 -12.36 11.89 3.49
N THR A 53 -12.43 10.74 4.15
CA THR A 53 -13.00 9.55 3.52
C THR A 53 -14.49 9.43 3.82
N TYR A 54 -14.97 10.21 4.79
CA TYR A 54 -16.36 10.13 5.25
C TYR A 54 -16.69 8.85 5.99
N VAL A 55 -15.65 8.10 6.36
CA VAL A 55 -15.76 6.90 7.17
C VAL A 55 -15.58 7.32 8.63
N ARG A 56 -16.71 7.37 9.34
CA ARG A 56 -16.78 7.90 10.69
C ARG A 56 -16.62 6.86 11.79
N SER A 57 -16.30 7.32 12.99
CA SER A 57 -16.09 6.45 14.14
C SER A 57 -17.38 5.76 14.61
N THR A 58 -18.50 6.33 14.21
CA THR A 58 -19.82 5.89 14.65
C THR A 58 -20.59 5.26 13.46
N PRO A 59 -21.53 4.34 13.75
CA PRO A 59 -22.36 3.78 12.67
C PRO A 59 -23.32 4.79 11.98
N GLU A 60 -23.29 4.78 10.65
CA GLU A 60 -24.21 5.53 9.80
C GLU A 60 -24.78 4.63 8.69
N GLY A 61 -25.75 5.17 7.94
CA GLY A 61 -26.41 4.43 6.85
C GLY A 61 -27.11 3.15 7.31
N SER A 62 -27.90 3.26 8.39
CA SER A 62 -28.55 2.11 9.02
C SER A 62 -29.65 1.47 8.15
N GLU A 63 -30.07 2.21 7.12
CA GLU A 63 -31.07 1.74 6.16
C GLU A 63 -30.50 0.71 5.20
N VAL A 64 -29.21 0.38 5.41
CA VAL A 64 -28.53 -0.68 4.69
C VAL A 64 -28.56 -1.96 5.54
N GLY A 65 -29.35 -2.93 5.09
CA GLY A 65 -29.38 -4.24 5.70
C GLY A 65 -28.57 -5.21 4.85
N ASP A 66 -29.10 -5.54 3.68
CA ASP A 66 -28.51 -6.53 2.78
C ASP A 66 -27.70 -5.93 1.62
N PHE A 67 -26.54 -6.51 1.36
CA PHE A 67 -25.72 -6.12 0.24
C PHE A 67 -24.89 -7.28 -0.33
N LEU A 68 -24.34 -7.06 -1.51
CA LEU A 68 -23.41 -7.99 -2.14
C LEU A 68 -21.97 -7.54 -2.04
N SER A 69 -21.09 -8.49 -1.77
CA SER A 69 -19.68 -8.25 -1.76
C SER A 69 -19.14 -9.14 -2.85
N LEU A 70 -18.22 -8.60 -3.64
CA LEU A 70 -17.65 -9.35 -4.73
C LEU A 70 -16.12 -9.34 -4.60
N ASP A 71 -15.54 -10.48 -4.23
CA ASP A 71 -14.09 -10.61 -4.06
C ASP A 71 -13.44 -11.07 -5.36
N LEU A 72 -12.66 -10.18 -5.95
CA LEU A 72 -12.06 -10.44 -7.25
C LEU A 72 -10.63 -10.97 -7.10
N GLY A 73 -10.46 -12.26 -7.36
CA GLY A 73 -9.16 -12.94 -7.24
C GLY A 73 -8.48 -13.09 -8.59
N GLY A 74 -7.52 -14.02 -8.67
CA GLY A 74 -6.76 -14.24 -9.90
C GLY A 74 -7.59 -14.86 -11.02
N THR A 75 -7.92 -16.14 -10.85
CA THR A 75 -8.64 -16.91 -11.85
C THR A 75 -10.03 -17.26 -11.35
N ASN A 76 -10.40 -16.67 -10.23
CA ASN A 76 -11.76 -16.79 -9.73
C ASN A 76 -12.25 -15.63 -8.91
N PHE A 77 -13.52 -15.72 -8.51
CA PHE A 77 -14.15 -14.66 -7.76
C PHE A 77 -15.21 -15.24 -6.83
N ARG A 78 -15.43 -14.50 -5.75
CA ARG A 78 -16.35 -14.90 -4.73
C ARG A 78 -17.51 -13.93 -4.75
N VAL A 79 -18.71 -14.47 -4.84
CA VAL A 79 -19.91 -13.65 -4.72
C VAL A 79 -20.46 -13.92 -3.33
N MET A 80 -20.70 -12.85 -2.58
CA MET A 80 -21.15 -12.99 -1.20
C MET A 80 -22.37 -12.11 -0.88
N LEU A 81 -23.38 -12.72 -0.25
CA LEU A 81 -24.51 -12.00 0.35
C LEU A 81 -24.29 -11.75 1.82
N VAL A 82 -24.54 -10.52 2.24
CA VAL A 82 -24.23 -10.08 3.59
C VAL A 82 -25.39 -9.32 4.21
N LYS A 83 -25.67 -9.63 5.47
CA LYS A 83 -26.68 -8.95 6.27
C LYS A 83 -25.98 -8.44 7.52
N VAL A 84 -26.06 -7.13 7.75
CA VAL A 84 -25.51 -6.55 8.97
C VAL A 84 -26.65 -6.35 9.98
N GLY A 85 -26.46 -6.86 11.20
CA GLY A 85 -27.46 -6.73 12.25
C GLY A 85 -26.89 -6.13 13.53
N GLU A 86 -27.73 -6.05 14.56
CA GLU A 86 -27.33 -5.52 15.86
C GLU A 86 -27.15 -6.67 16.86
N TRP A 92 -22.11 -5.11 15.65
CA TRP A 92 -22.81 -5.59 14.45
C TRP A 92 -22.71 -7.11 14.31
N SER A 93 -23.79 -7.70 13.80
CA SER A 93 -23.83 -9.12 13.49
C SER A 93 -23.75 -9.29 11.97
N VAL A 94 -22.59 -9.75 11.49
CA VAL A 94 -22.34 -9.95 10.05
C VAL A 94 -22.70 -11.36 9.60
N LYS A 95 -23.89 -11.53 9.02
CA LYS A 95 -24.30 -12.82 8.45
C LYS A 95 -23.89 -12.92 6.99
N THR A 96 -23.32 -14.06 6.61
CA THR A 96 -22.84 -14.24 5.23
C THR A 96 -23.19 -15.58 4.65
N LYS A 97 -23.34 -15.58 3.34
CA LYS A 97 -23.35 -16.80 2.55
C LYS A 97 -22.73 -16.45 1.20
N HIS A 98 -22.09 -17.42 0.57
CA HIS A 98 -21.25 -17.11 -0.58
C HIS A 98 -21.10 -18.26 -1.56
N GLN A 99 -20.55 -17.93 -2.73
CA GLN A 99 -20.20 -18.92 -3.76
C GLN A 99 -18.91 -18.52 -4.48
N MET A 100 -17.98 -19.47 -4.58
CA MET A 100 -16.81 -19.32 -5.41
C MET A 100 -17.15 -19.74 -6.84
N TYR A 101 -16.77 -18.88 -7.78
CA TYR A 101 -16.90 -19.19 -9.18
C TYR A 101 -15.51 -19.22 -9.78
N SER A 102 -15.31 -20.13 -10.72
CA SER A 102 -14.07 -20.21 -11.47
C SER A 102 -14.33 -19.57 -12.84
N ILE A 103 -13.41 -18.75 -13.33
CA ILE A 103 -13.62 -18.13 -14.66
C ILE A 103 -13.12 -19.04 -15.78
N PRO A 104 -13.95 -19.31 -16.80
CA PRO A 104 -13.49 -20.14 -17.91
C PRO A 104 -12.38 -19.42 -18.66
N GLU A 105 -11.48 -20.16 -19.29
CA GLU A 105 -10.41 -19.55 -20.09
C GLU A 105 -11.02 -18.83 -21.28
N ASP A 106 -12.17 -19.35 -21.72
CA ASP A 106 -13.03 -18.70 -22.71
C ASP A 106 -13.30 -17.21 -22.35
N ALA A 107 -13.74 -16.97 -21.11
CA ALA A 107 -14.05 -15.63 -20.59
C ALA A 107 -12.82 -14.87 -20.06
N MET A 108 -11.77 -15.62 -19.72
CA MET A 108 -10.50 -15.03 -19.28
C MET A 108 -9.73 -14.39 -20.42
N THR A 109 -9.88 -14.95 -21.62
CA THR A 109 -9.06 -14.50 -22.76
C THR A 109 -9.80 -13.56 -23.72
N GLY A 110 -11.04 -13.20 -23.37
CA GLY A 110 -11.82 -12.28 -24.19
C GLY A 110 -11.51 -10.83 -23.85
N THR A 111 -12.39 -9.94 -24.29
CA THR A 111 -12.33 -8.54 -23.90
C THR A 111 -12.81 -8.41 -22.46
N ALA A 112 -12.53 -7.26 -21.83
CA ALA A 112 -12.98 -6.99 -20.46
C ALA A 112 -14.51 -7.06 -20.32
N GLU A 113 -15.20 -6.72 -21.42
CA GLU A 113 -16.66 -6.73 -21.47
C GLU A 113 -17.21 -8.14 -21.37
N MET A 114 -16.57 -9.08 -22.08
CA MET A 114 -16.99 -10.47 -22.08
C MET A 114 -16.72 -11.15 -20.75
N LEU A 115 -15.68 -10.68 -20.05
CA LEU A 115 -15.39 -11.18 -18.74
C LEU A 115 -16.49 -10.74 -17.78
N PHE A 116 -16.87 -9.47 -17.83
CA PHE A 116 -17.88 -8.94 -16.91
C PHE A 116 -19.31 -9.36 -17.22
N ASP A 117 -19.56 -9.71 -18.49
CA ASP A 117 -20.77 -10.40 -18.89
C ASP A 117 -20.88 -11.72 -18.14
N TYR A 118 -19.76 -12.44 -18.08
CA TYR A 118 -19.70 -13.72 -17.38
C TYR A 118 -19.94 -13.54 -15.88
N ILE A 119 -19.28 -12.56 -15.29
CA ILE A 119 -19.43 -12.25 -13.86
C ILE A 119 -20.90 -11.91 -13.49
N SER A 120 -21.54 -11.05 -14.28
CA SER A 120 -22.97 -10.75 -14.14
C SER A 120 -23.88 -11.98 -14.23
N GLU A 121 -23.54 -12.89 -15.13
CA GLU A 121 -24.29 -14.12 -15.29
C GLU A 121 -24.20 -14.94 -14.00
N CYS A 122 -23.00 -15.00 -13.44
CA CYS A 122 -22.78 -15.67 -12.16
C CYS A 122 -23.54 -15.03 -11.01
N ILE A 123 -23.55 -13.70 -10.95
CA ILE A 123 -24.28 -12.95 -9.94
C ILE A 123 -25.78 -13.25 -10.05
N SER A 124 -26.30 -13.18 -11.27
CA SER A 124 -27.67 -13.56 -11.59
C SER A 124 -28.04 -14.98 -11.08
N ASP A 125 -27.19 -15.96 -11.36
CA ASP A 125 -27.36 -17.33 -10.86
C ASP A 125 -27.44 -17.40 -9.34
N PHE A 126 -26.53 -16.67 -8.69
CA PHE A 126 -26.46 -16.58 -7.24
C PHE A 126 -27.72 -15.90 -6.67
N LEU A 127 -28.18 -14.84 -7.31
CA LEU A 127 -29.42 -14.16 -6.92
C LEU A 127 -30.67 -15.05 -7.06
N ASP A 128 -30.73 -15.81 -8.15
CA ASP A 128 -31.72 -16.86 -8.35
C ASP A 128 -31.67 -17.90 -7.25
N LYS A 129 -30.48 -18.43 -6.94
CA LYS A 129 -30.35 -19.44 -5.90
C LYS A 129 -30.89 -19.01 -4.52
N HIS A 130 -30.71 -17.73 -4.18
CA HIS A 130 -31.13 -17.24 -2.88
C HIS A 130 -32.39 -16.39 -2.90
N GLN A 131 -33.09 -16.42 -4.05
CA GLN A 131 -34.35 -15.69 -4.29
C GLN A 131 -34.26 -14.22 -3.88
N MET A 132 -33.33 -13.51 -4.48
CA MET A 132 -33.06 -12.14 -4.08
C MET A 132 -33.21 -11.20 -5.24
N LYS A 133 -33.61 -11.72 -6.39
CA LYS A 133 -33.60 -10.94 -7.65
C LYS A 133 -34.61 -9.79 -7.75
N HIS A 134 -35.46 -9.67 -6.73
CA HIS A 134 -36.43 -8.59 -6.63
C HIS A 134 -35.88 -7.37 -5.86
N LYS A 135 -34.82 -7.58 -5.08
CA LYS A 135 -34.31 -6.55 -4.16
C LYS A 135 -33.69 -5.28 -4.76
N LYS A 136 -32.71 -5.43 -5.65
CA LYS A 136 -31.85 -4.31 -6.06
C LYS A 136 -30.92 -3.94 -4.89
N LEU A 137 -29.81 -4.67 -4.81
CA LEU A 137 -28.87 -4.57 -3.72
C LEU A 137 -27.70 -3.70 -4.12
N PRO A 138 -27.11 -2.99 -3.15
CA PRO A 138 -25.80 -2.44 -3.42
C PRO A 138 -24.73 -3.53 -3.42
N LEU A 139 -23.69 -3.30 -4.23
CA LEU A 139 -22.58 -4.23 -4.38
C LEU A 139 -21.27 -3.46 -4.28
N GLY A 140 -20.35 -3.97 -3.47
CA GLY A 140 -19.01 -3.43 -3.42
C GLY A 140 -17.98 -4.49 -3.76
N PHE A 141 -16.89 -4.04 -4.38
CA PHE A 141 -15.73 -4.89 -4.71
C PHE A 141 -14.69 -4.98 -3.59
N THR A 142 -14.12 -6.17 -3.43
CA THR A 142 -12.90 -6.34 -2.63
C THR A 142 -11.90 -7.15 -3.43
N PHE A 143 -10.64 -7.14 -2.97
CA PHE A 143 -9.53 -7.80 -3.69
C PHE A 143 -8.70 -8.77 -2.86
N ASN A 173 -12.08 1.00 -12.58
CA ASN A 173 -13.01 0.81 -13.68
C ASN A 173 -13.44 -0.65 -13.88
N VAL A 174 -13.23 -1.48 -12.84
CA VAL A 174 -13.97 -2.74 -12.72
C VAL A 174 -15.43 -2.38 -12.39
N VAL A 175 -15.60 -1.26 -11.69
CA VAL A 175 -16.90 -0.72 -11.34
C VAL A 175 -17.72 -0.42 -12.59
N GLY A 176 -17.14 0.34 -13.52
CA GLY A 176 -17.79 0.70 -14.78
C GLY A 176 -18.08 -0.51 -15.64
N LEU A 177 -17.09 -1.39 -15.74
CA LEU A 177 -17.27 -2.68 -16.41
C LEU A 177 -18.46 -3.47 -15.85
N LEU A 178 -18.64 -3.44 -14.53
CA LEU A 178 -19.75 -4.15 -13.91
C LEU A 178 -21.06 -3.38 -14.09
N ARG A 179 -21.05 -2.07 -13.85
CA ARG A 179 -22.23 -1.25 -14.16
C ARG A 179 -22.72 -1.51 -15.57
N ASP A 180 -21.81 -1.43 -16.55
CA ASP A 180 -22.14 -1.67 -17.97
C ASP A 180 -22.71 -3.05 -18.22
N ALA A 181 -22.06 -4.08 -17.67
CA ALA A 181 -22.49 -5.49 -17.87
C ALA A 181 -23.86 -5.79 -17.28
N ILE A 182 -24.16 -5.15 -16.14
CA ILE A 182 -25.47 -5.30 -15.49
C ILE A 182 -26.57 -4.62 -16.32
N LYS A 183 -26.28 -3.41 -16.82
CA LYS A 183 -27.19 -2.68 -17.71
C LYS A 183 -27.46 -3.43 -19.00
N ARG A 184 -26.42 -4.10 -19.49
CA ARG A 184 -26.44 -4.88 -20.72
C ARG A 184 -27.38 -6.06 -20.54
N ARG A 185 -27.42 -6.61 -19.33
CA ARG A 185 -28.32 -7.70 -19.00
C ARG A 185 -29.77 -7.22 -18.88
N GLY A 186 -30.00 -6.19 -18.08
CA GLY A 186 -31.32 -5.58 -17.94
C GLY A 186 -32.47 -6.48 -17.49
N ASP A 187 -32.15 -7.57 -16.80
CA ASP A 187 -33.16 -8.40 -16.13
C ASP A 187 -33.26 -7.94 -14.68
N PHE A 188 -32.16 -8.07 -13.94
CA PHE A 188 -32.07 -7.56 -12.57
C PHE A 188 -31.37 -6.21 -12.48
N GLU A 189 -31.73 -5.47 -11.43
CA GLU A 189 -31.21 -4.13 -11.17
C GLU A 189 -30.26 -4.15 -9.95
N MET A 190 -29.17 -3.42 -10.05
CA MET A 190 -28.14 -3.39 -9.00
C MET A 190 -27.41 -2.05 -8.94
N ASP A 191 -26.93 -1.68 -7.75
CA ASP A 191 -26.08 -0.50 -7.61
C ASP A 191 -24.66 -0.88 -7.23
N VAL A 192 -23.73 -0.70 -8.17
CA VAL A 192 -22.31 -0.90 -7.88
C VAL A 192 -21.77 0.36 -7.17
N VAL A 193 -21.20 0.20 -5.97
CA VAL A 193 -20.72 1.37 -5.24
C VAL A 193 -19.25 1.64 -5.53
N ALA A 194 -18.86 2.90 -5.35
CA ALA A 194 -17.46 3.32 -5.40
C ALA A 194 -16.63 2.57 -4.35
N MET A 195 -15.43 2.14 -4.75
CA MET A 195 -14.48 1.50 -3.84
C MET A 195 -13.97 2.52 -2.82
N VAL A 196 -13.63 2.03 -1.64
CA VAL A 196 -12.79 2.80 -0.74
C VAL A 196 -11.32 2.63 -1.15
N ASN A 197 -10.49 3.58 -0.73
CA ASN A 197 -9.07 3.50 -0.96
C ASN A 197 -8.51 2.22 -0.32
N ASP A 198 -7.40 1.70 -0.85
CA ASP A 198 -6.81 0.45 -0.34
C ASP A 198 -6.29 0.54 1.11
N THR A 199 -5.81 1.70 1.52
CA THR A 199 -5.42 1.93 2.92
C THR A 199 -6.64 1.89 3.83
N VAL A 200 -7.77 2.38 3.32
CA VAL A 200 -9.00 2.39 4.08
C VAL A 200 -9.53 0.96 4.20
N ALA A 201 -9.47 0.20 3.10
CA ALA A 201 -9.87 -1.21 3.12
C ALA A 201 -9.01 -2.02 4.09
N THR A 202 -7.71 -1.72 4.11
CA THR A 202 -6.76 -2.38 4.98
C THR A 202 -7.10 -2.10 6.42
N MET A 203 -7.35 -0.84 6.74
CA MET A 203 -7.66 -0.47 8.11
C MET A 203 -8.96 -1.14 8.61
N ILE A 204 -9.98 -1.15 7.76
CA ILE A 204 -11.28 -1.71 8.10
C ILE A 204 -11.27 -3.24 8.29
N SER A 205 -10.65 -3.95 7.36
CA SER A 205 -10.56 -5.41 7.48
C SER A 205 -9.73 -5.80 8.69
N CYS A 206 -8.68 -5.04 8.99
CA CYS A 206 -7.90 -5.27 10.21
C CYS A 206 -8.68 -4.86 11.47
N TYR A 207 -9.46 -3.81 11.35
CA TYR A 207 -10.32 -3.39 12.44
C TYR A 207 -11.27 -4.52 12.84
N TYR A 208 -11.75 -5.27 11.86
CA TYR A 208 -12.66 -6.38 12.14
C TYR A 208 -12.07 -7.36 13.19
N GLU A 209 -10.77 -7.62 13.08
CA GLU A 209 -10.10 -8.56 13.96
C GLU A 209 -9.52 -7.91 15.22
N ASP A 210 -9.37 -6.58 15.19
CA ASP A 210 -8.79 -5.84 16.31
C ASP A 210 -9.34 -4.40 16.37
N HIS A 211 -10.21 -4.13 17.32
CA HIS A 211 -10.89 -2.83 17.43
C HIS A 211 -10.00 -1.66 17.85
N GLN A 212 -8.73 -1.94 18.14
CA GLN A 212 -7.71 -0.89 18.39
C GLN A 212 -7.05 -0.42 17.10
N CYS A 213 -7.43 -1.02 15.98
CA CYS A 213 -6.87 -0.63 14.71
C CYS A 213 -7.49 0.68 14.24
N GLU A 214 -6.64 1.70 14.18
CA GLU A 214 -7.05 3.06 13.80
C GLU A 214 -6.18 3.66 12.71
N VAL A 215 -5.35 2.82 12.10
CA VAL A 215 -4.45 3.25 11.03
C VAL A 215 -4.39 2.13 10.02
N GLY A 216 -4.42 2.50 8.74
CA GLY A 216 -4.21 1.54 7.65
C GLY A 216 -3.06 2.00 6.79
N MET A 217 -2.18 1.10 6.42
CA MET A 217 -1.01 1.48 5.61
C MET A 217 -0.72 0.47 4.52
N ILE A 218 -0.30 0.97 3.37
CA ILE A 218 0.14 0.12 2.25
C ILE A 218 1.58 0.46 1.90
N VAL A 219 2.44 -0.55 1.90
CA VAL A 219 3.78 -0.42 1.32
C VAL A 219 3.90 -1.50 0.25
N GLY A 220 3.60 -1.12 -1.00
CA GLY A 220 3.66 -2.02 -2.14
C GLY A 220 4.33 -1.33 -3.32
N THR A 221 3.66 -1.27 -4.47
CA THR A 221 4.17 -0.50 -5.60
C THR A 221 4.22 1.00 -5.26
N GLY A 222 3.19 1.46 -4.55
CA GLY A 222 3.19 2.79 -3.97
C GLY A 222 3.20 2.67 -2.46
N CYS A 223 3.10 3.81 -1.80
CA CYS A 223 3.04 3.85 -0.36
C CYS A 223 2.05 4.93 0.10
N ASN A 224 1.10 4.54 0.95
CA ASN A 224 0.09 5.47 1.48
C ASN A 224 -0.30 5.09 2.90
N ALA A 225 -1.01 5.98 3.59
CA ALA A 225 -1.54 5.68 4.90
C ALA A 225 -2.80 6.49 5.15
N CYS A 226 -3.68 5.93 5.98
CA CYS A 226 -4.90 6.57 6.43
C CYS A 226 -5.00 6.37 7.94
N TYR A 227 -5.70 7.25 8.63
CA TYR A 227 -5.81 7.10 10.09
C TYR A 227 -7.10 7.77 10.56
N MET A 228 -7.50 7.49 11.80
CA MET A 228 -8.67 8.13 12.40
C MET A 228 -8.29 9.47 13.04
N GLU A 229 -8.79 10.55 12.46
CA GLU A 229 -8.52 11.92 12.91
C GLU A 229 -9.70 12.44 13.71
N GLU A 230 -9.46 13.36 14.65
CA GLU A 230 -10.55 13.99 15.40
C GLU A 230 -11.33 14.87 14.47
N MET A 231 -12.65 14.81 14.59
CA MET A 231 -13.54 15.61 13.73
C MET A 231 -13.24 17.10 13.72
N GLN A 232 -12.78 17.65 14.84
CA GLN A 232 -12.50 19.08 14.88
C GLN A 232 -11.26 19.49 14.07
N ASN A 233 -10.37 18.53 13.80
CA ASN A 233 -9.17 18.77 12.99
C ASN A 233 -9.43 18.69 11.50
N VAL A 234 -10.47 17.94 11.14
CA VAL A 234 -10.95 17.79 9.79
C VAL A 234 -11.84 18.99 9.49
N GLU A 235 -11.21 20.08 9.07
CA GLU A 235 -11.91 21.33 8.74
C GLU A 235 -12.74 21.27 7.46
N LEU A 236 -12.51 20.27 6.60
CA LEU A 236 -13.23 20.15 5.35
C LEU A 236 -14.63 19.57 5.57
N VAL A 237 -14.91 19.10 6.78
CA VAL A 237 -16.24 18.60 7.13
C VAL A 237 -16.69 19.31 8.39
N GLU A 238 -17.85 19.95 8.34
CA GLU A 238 -18.43 20.56 9.53
C GLU A 238 -18.73 19.47 10.56
N GLY A 239 -18.43 19.76 11.83
CA GLY A 239 -18.61 18.80 12.91
C GLY A 239 -17.42 18.75 13.84
N ASP A 240 -17.69 18.37 15.09
CA ASP A 240 -16.75 18.41 16.21
C ASP A 240 -16.62 17.04 16.87
N GLU A 241 -17.69 16.26 16.78
CA GLU A 241 -17.81 15.01 17.54
C GLU A 241 -17.25 13.81 16.83
N GLY A 242 -16.49 13.02 17.58
CA GLY A 242 -15.99 11.74 17.08
C GLY A 242 -14.80 11.87 16.16
N ARG A 243 -14.59 10.82 15.37
CA ARG A 243 -13.47 10.72 14.46
C ARG A 243 -13.88 10.42 13.02
N MET A 244 -12.99 10.71 12.10
CA MET A 244 -13.19 10.34 10.71
C MET A 244 -11.88 9.87 10.12
N CYS A 245 -11.97 8.86 9.26
CA CYS A 245 -10.79 8.39 8.54
C CYS A 245 -10.33 9.45 7.53
N VAL A 246 -9.02 9.73 7.56
CA VAL A 246 -8.41 10.67 6.64
C VAL A 246 -7.40 9.91 5.78
N ASN A 247 -7.51 10.03 4.47
CA ASN A 247 -6.57 9.46 3.52
C ASN A 247 -5.47 10.47 3.27
N THR A 248 -4.27 10.21 3.81
CA THR A 248 -3.18 11.19 3.74
C THR A 248 -2.75 11.45 2.29
N GLU A 249 -2.70 10.38 1.48
CA GLU A 249 -2.08 10.42 0.15
C GLU A 249 -0.69 11.06 0.31
N TRP A 250 0.12 10.50 1.22
CA TRP A 250 1.41 11.11 1.57
C TRP A 250 2.55 10.90 0.56
N GLY A 251 2.32 10.05 -0.45
CA GLY A 251 3.26 9.84 -1.55
C GLY A 251 3.64 11.12 -2.27
N ALA A 252 2.75 12.12 -2.19
CA ALA A 252 2.96 13.40 -2.87
C ALA A 252 3.97 14.29 -2.16
N PHE A 253 4.28 13.95 -0.91
CA PHE A 253 5.26 14.66 -0.08
C PHE A 253 6.63 14.81 -0.78
N GLY A 254 7.22 16.00 -0.68
CA GLY A 254 8.48 16.31 -1.33
C GLY A 254 8.46 17.42 -2.37
N ASP A 255 7.26 17.78 -2.84
CA ASP A 255 6.97 18.85 -3.81
C ASP A 255 7.67 20.19 -3.62
N SER A 256 7.78 20.61 -2.36
CA SER A 256 8.32 21.93 -2.04
C SER A 256 9.76 21.84 -1.53
N GLY A 257 10.36 20.67 -1.69
CA GLY A 257 11.77 20.49 -1.34
C GLY A 257 12.01 19.89 0.03
N GLU A 258 10.95 19.44 0.69
CA GLU A 258 11.05 18.84 2.04
C GLU A 258 12.00 17.63 2.12
N LEU A 259 12.37 17.04 0.99
CA LEU A 259 13.24 15.87 1.01
C LEU A 259 14.59 16.12 0.38
N ASP A 260 14.74 17.30 -0.20
CA ASP A 260 15.91 17.66 -1.00
C ASP A 260 17.29 17.34 -0.43
N GLU A 261 17.47 17.54 0.87
CA GLU A 261 18.76 17.25 1.52
C GLU A 261 19.02 15.77 1.77
N PHE A 262 17.99 14.95 1.60
CA PHE A 262 18.10 13.51 1.79
C PHE A 262 18.23 12.74 0.47
N LEU A 263 18.13 13.46 -0.66
CA LEU A 263 18.18 12.85 -1.98
C LEU A 263 19.60 12.56 -2.46
N LEU A 264 19.79 11.38 -3.03
CA LEU A 264 21.09 10.99 -3.53
C LEU A 264 21.07 11.07 -5.05
N GLU A 265 22.24 10.98 -5.68
CA GLU A 265 22.33 11.01 -7.13
C GLU A 265 21.36 10.02 -7.80
N TYR A 266 21.23 8.81 -7.22
CA TYR A 266 20.37 7.74 -7.78
C TYR A 266 18.90 8.12 -7.75
N ASP A 267 18.51 8.80 -6.67
CA ASP A 267 17.14 9.30 -6.50
C ASP A 267 16.84 10.35 -7.57
N ARG A 268 17.80 11.23 -7.83
CA ARG A 268 17.57 12.28 -8.81
C ARG A 268 17.46 11.71 -10.22
N LEU A 269 18.22 10.66 -10.49
CA LEU A 269 18.17 9.95 -11.77
C LEU A 269 16.82 9.25 -12.00
N VAL A 270 16.34 8.55 -10.98
CA VAL A 270 15.03 7.90 -11.02
C VAL A 270 13.91 8.95 -11.24
N ASP A 271 14.02 10.09 -10.57
CA ASP A 271 13.04 11.16 -10.71
C ASP A 271 13.00 11.68 -12.17
N GLU A 272 14.17 11.98 -12.73
CA GLU A 272 14.32 12.54 -14.07
C GLU A 272 13.79 11.66 -15.20
N SER A 273 13.85 10.34 -14.99
CA SER A 273 13.42 9.40 -16.01
C SER A 273 12.01 8.86 -15.80
N SER A 274 11.33 9.37 -14.77
CA SER A 274 10.01 8.87 -14.42
C SER A 274 8.94 9.57 -15.24
N ALA A 275 7.70 9.11 -15.10
CA ALA A 275 6.57 9.69 -15.84
C ALA A 275 6.20 11.07 -15.30
N ASN A 276 6.54 11.34 -14.04
CA ASN A 276 6.11 12.56 -13.35
C ASN A 276 7.25 13.27 -12.58
N PRO A 277 8.30 13.74 -13.29
CA PRO A 277 9.47 14.23 -12.56
C PRO A 277 9.12 15.39 -11.63
N GLY A 278 9.71 15.36 -10.43
CA GLY A 278 9.46 16.33 -9.40
C GLY A 278 8.22 16.03 -8.58
N GLN A 279 7.46 15.00 -8.96
CA GLN A 279 6.26 14.65 -8.20
C GLN A 279 6.40 13.29 -7.51
N GLN A 280 5.68 13.09 -6.41
CA GLN A 280 5.67 11.82 -5.70
C GLN A 280 7.07 11.43 -5.20
N LEU A 281 7.84 12.41 -4.74
CA LEU A 281 9.21 12.15 -4.32
C LEU A 281 9.30 11.22 -3.10
N TYR A 282 8.37 11.33 -2.17
CA TYR A 282 8.30 10.43 -1.00
C TYR A 282 8.08 9.00 -1.45
N GLU A 283 7.09 8.80 -2.30
CA GLU A 283 6.78 7.48 -2.83
C GLU A 283 7.99 6.89 -3.58
N LYS A 284 8.68 7.72 -4.35
CA LYS A 284 9.88 7.28 -5.05
C LYS A 284 11.00 6.78 -4.13
N LEU A 285 11.08 7.28 -2.90
CA LEU A 285 12.08 6.80 -1.94
C LEU A 285 11.71 5.49 -1.27
N ILE A 286 10.45 5.09 -1.42
CA ILE A 286 9.92 3.97 -0.65
C ILE A 286 9.32 2.81 -1.46
N GLY A 287 8.49 3.13 -2.45
CA GLY A 287 7.68 2.13 -3.15
C GLY A 287 8.43 1.11 -3.97
N GLY A 288 7.79 -0.04 -4.19
CA GLY A 288 8.35 -1.13 -4.99
C GLY A 288 8.58 -0.76 -6.44
N LYS A 289 7.83 0.20 -6.95
CA LYS A 289 7.98 0.66 -8.32
C LYS A 289 9.43 1.05 -8.69
N TYR A 290 10.15 1.69 -7.76
CA TYR A 290 11.47 2.22 -8.09
C TYR A 290 12.62 1.58 -7.36
N MET A 291 12.31 0.63 -6.49
CA MET A 291 13.30 0.01 -5.58
C MET A 291 14.42 -0.73 -6.35
N GLY A 292 14.03 -1.58 -7.29
CA GLY A 292 14.99 -2.34 -8.08
C GLY A 292 15.81 -1.43 -8.95
N GLU A 293 15.19 -0.37 -9.44
CA GLU A 293 15.88 0.60 -10.27
C GLU A 293 16.96 1.35 -9.48
N LEU A 294 16.65 1.77 -8.24
CA LEU A 294 17.68 2.40 -7.38
C LEU A 294 18.88 1.47 -7.18
N VAL A 295 18.61 0.20 -6.91
CA VAL A 295 19.68 -0.81 -6.75
C VAL A 295 20.53 -0.93 -8.01
N ARG A 296 19.87 -0.96 -9.17
CA ARG A 296 20.58 -1.04 -10.45
C ARG A 296 21.61 0.08 -10.57
N LEU A 297 21.20 1.30 -10.20
CA LEU A 297 21.99 2.49 -10.31
C LEU A 297 23.13 2.50 -9.30
N VAL A 298 22.90 1.94 -8.12
CA VAL A 298 23.97 1.77 -7.12
C VAL A 298 25.02 0.77 -7.64
N LEU A 299 24.58 -0.33 -8.25
CA LEU A 299 25.49 -1.33 -8.81
C LEU A 299 26.33 -0.80 -9.96
N LEU A 300 25.73 0.03 -10.82
CA LEU A 300 26.46 0.64 -11.93
C LEU A 300 27.50 1.65 -11.42
N ARG A 301 27.12 2.43 -10.42
CA ARG A 301 28.07 3.31 -9.77
C ARG A 301 29.30 2.52 -9.30
N LEU A 302 29.07 1.39 -8.64
CA LEU A 302 30.15 0.50 -8.14
C LEU A 302 30.98 -0.12 -9.25
N VAL A 303 30.34 -0.48 -10.36
CA VAL A 303 31.04 -0.99 -11.53
C VAL A 303 31.98 0.09 -12.09
N ASP A 304 31.46 1.31 -12.20
CA ASP A 304 32.20 2.50 -12.65
C ASP A 304 33.42 2.82 -11.75
N GLU A 305 33.33 2.50 -10.47
CA GLU A 305 34.43 2.70 -9.52
C GLU A 305 35.39 1.51 -9.53
N ASN A 306 35.09 0.53 -10.38
CA ASN A 306 35.87 -0.70 -10.49
C ASN A 306 35.89 -1.49 -9.17
N LEU A 307 34.74 -1.53 -8.51
CA LEU A 307 34.59 -2.23 -7.23
C LEU A 307 33.65 -3.43 -7.32
N LEU A 308 33.09 -3.63 -8.50
CA LEU A 308 32.13 -4.69 -8.73
C LEU A 308 32.21 -5.17 -10.19
N PHE A 309 32.19 -6.49 -10.37
CA PHE A 309 32.24 -7.15 -11.70
C PHE A 309 33.47 -6.84 -12.55
N HIS A 310 34.56 -6.43 -11.91
CA HIS A 310 35.81 -6.03 -12.60
C HIS A 310 35.65 -4.82 -13.51
N GLY A 311 34.75 -3.89 -13.17
CA GLY A 311 34.51 -2.73 -14.00
C GLY A 311 33.75 -2.95 -15.30
N GLU A 312 33.21 -4.15 -15.50
CA GLU A 312 32.41 -4.46 -16.69
C GLU A 312 30.96 -4.86 -16.35
N ALA A 313 30.01 -4.06 -16.83
CA ALA A 313 28.61 -4.36 -16.64
C ALA A 313 28.09 -5.06 -17.90
N SER A 314 27.04 -5.87 -17.75
CA SER A 314 26.40 -6.50 -18.88
C SER A 314 25.46 -5.49 -19.56
N GLU A 315 24.91 -5.88 -20.71
CA GLU A 315 23.94 -5.02 -21.39
C GLU A 315 22.63 -4.99 -20.63
N GLN A 316 22.25 -6.12 -20.03
CA GLN A 316 21.03 -6.18 -19.23
C GLN A 316 21.08 -5.25 -18.02
N LEU A 317 22.23 -5.17 -17.34
CA LEU A 317 22.41 -4.26 -16.19
C LEU A 317 22.38 -2.77 -16.59
N ARG A 318 22.79 -2.46 -17.81
CA ARG A 318 22.68 -1.09 -18.34
C ARG A 318 21.28 -0.79 -18.95
N THR A 319 20.32 -1.69 -18.74
CA THR A 319 18.98 -1.48 -19.26
C THR A 319 18.03 -1.04 -18.15
N ARG A 320 17.45 0.14 -18.34
CA ARG A 320 16.48 0.67 -17.38
C ARG A 320 15.36 -0.35 -17.18
N GLY A 321 15.10 -0.69 -15.91
CA GLY A 321 14.05 -1.66 -15.56
C GLY A 321 14.49 -3.12 -15.41
N ALA A 322 15.74 -3.41 -15.80
CA ALA A 322 16.26 -4.77 -15.82
C ALA A 322 16.42 -5.39 -14.43
N PHE A 323 16.81 -4.58 -13.45
CA PHE A 323 16.86 -5.05 -12.06
C PHE A 323 15.50 -4.88 -11.42
N GLU A 324 14.75 -5.98 -11.30
CA GLU A 324 13.41 -5.94 -10.74
C GLU A 324 13.41 -5.86 -9.22
N THR A 325 12.39 -5.20 -8.69
CA THR A 325 12.21 -5.04 -7.26
C THR A 325 12.08 -6.40 -6.56
N ARG A 326 11.36 -7.33 -7.19
CA ARG A 326 11.32 -8.72 -6.73
C ARG A 326 12.74 -9.35 -6.57
N PHE A 327 13.70 -8.87 -7.37
CA PHE A 327 15.10 -9.35 -7.27
C PHE A 327 15.76 -8.93 -5.98
N VAL A 328 15.39 -7.75 -5.47
CA VAL A 328 15.93 -7.26 -4.21
C VAL A 328 15.58 -8.23 -3.10
N SER A 329 14.31 -8.62 -3.04
CA SER A 329 13.83 -9.49 -1.98
C SER A 329 14.32 -10.92 -2.15
N GLN A 330 14.47 -11.37 -3.39
CA GLN A 330 15.13 -12.65 -3.64
C GLN A 330 16.57 -12.59 -3.11
N VAL A 331 17.37 -11.62 -3.55
CA VAL A 331 18.77 -11.44 -3.05
C VAL A 331 18.89 -11.43 -1.50
N GLU A 332 17.93 -10.79 -0.82
CA GLU A 332 17.98 -10.70 0.62
C GLU A 332 17.43 -11.94 1.33
N SER A 333 16.78 -12.82 0.56
CA SER A 333 16.32 -14.12 1.07
C SER A 333 17.45 -15.14 1.18
N ASP A 334 18.50 -14.97 0.39
CA ASP A 334 19.63 -15.91 0.31
C ASP A 334 20.09 -16.35 1.71
N THR A 335 20.25 -17.65 1.91
CA THR A 335 20.65 -18.23 3.21
C THR A 335 22.13 -18.06 3.58
N GLY A 336 22.93 -17.64 2.62
CA GLY A 336 24.37 -17.44 2.84
C GLY A 336 25.23 -18.24 1.88
N ASP A 337 24.58 -19.09 1.07
CA ASP A 337 25.26 -19.94 0.09
C ASP A 337 25.52 -19.24 -1.26
N ARG A 338 24.85 -18.09 -1.46
CA ARG A 338 24.95 -17.24 -2.69
C ARG A 338 24.27 -17.80 -3.93
N LYS A 339 23.55 -18.91 -3.79
CA LYS A 339 22.87 -19.51 -4.94
C LYS A 339 21.72 -18.68 -5.53
N GLN A 340 20.94 -18.02 -4.68
CA GLN A 340 19.91 -17.10 -5.17
C GLN A 340 20.49 -15.85 -5.85
N ILE A 341 21.53 -15.26 -5.26
CA ILE A 341 22.19 -14.08 -5.82
C ILE A 341 22.88 -14.44 -7.13
N TYR A 342 23.64 -15.53 -7.11
CA TYR A 342 24.30 -15.97 -8.33
C TYR A 342 23.28 -16.22 -9.44
N ASN A 343 22.16 -16.86 -9.11
CA ASN A 343 21.16 -17.17 -10.12
C ASN A 343 20.35 -15.96 -10.63
N ILE A 344 20.12 -14.97 -9.77
CA ILE A 344 19.56 -13.69 -10.22
C ILE A 344 20.55 -12.98 -11.14
N LEU A 345 21.81 -12.87 -10.73
CA LEU A 345 22.82 -12.15 -11.49
C LEU A 345 23.20 -12.83 -12.80
N SER A 346 23.06 -14.16 -12.85
CA SER A 346 23.34 -14.90 -14.06
C SER A 346 22.26 -14.63 -15.12
N THR A 347 20.99 -14.48 -14.70
CA THR A 347 19.94 -14.10 -15.67
C THR A 347 20.19 -12.72 -16.32
N LEU A 348 21.08 -11.92 -15.72
CA LEU A 348 21.44 -10.60 -16.27
C LEU A 348 22.77 -10.62 -17.03
N GLY A 349 23.17 -11.80 -17.49
CA GLY A 349 24.41 -11.96 -18.26
C GLY A 349 25.69 -11.63 -17.51
N LEU A 350 25.65 -11.71 -16.18
CA LEU A 350 26.83 -11.45 -15.36
C LEU A 350 27.40 -12.78 -14.88
N ARG A 351 28.71 -12.83 -14.70
CA ARG A 351 29.38 -14.00 -14.11
C ARG A 351 30.04 -13.62 -12.79
N PRO A 352 29.25 -13.55 -11.72
CA PRO A 352 29.73 -12.94 -10.49
C PRO A 352 30.51 -13.89 -9.59
N SER A 353 31.66 -13.42 -9.09
CA SER A 353 32.41 -14.12 -8.03
C SER A 353 31.68 -13.99 -6.69
N THR A 354 32.08 -14.77 -5.70
CA THR A 354 31.46 -14.71 -4.36
C THR A 354 31.44 -13.30 -3.74
N THR A 355 32.53 -12.56 -3.91
CA THR A 355 32.61 -11.18 -3.44
C THR A 355 31.58 -10.25 -4.12
N ASP A 356 31.42 -10.37 -5.45
CA ASP A 356 30.38 -9.64 -6.19
C ASP A 356 29.00 -9.84 -5.57
N CYS A 357 28.63 -11.11 -5.38
CA CYS A 357 27.40 -11.51 -4.71
C CYS A 357 27.20 -10.86 -3.34
N ASP A 358 28.24 -10.86 -2.51
CA ASP A 358 28.16 -10.22 -1.19
C ASP A 358 27.93 -8.71 -1.28
N ILE A 359 28.63 -8.07 -2.21
CA ILE A 359 28.40 -6.65 -2.53
C ILE A 359 26.94 -6.35 -2.95
N VAL A 360 26.35 -7.23 -3.77
CA VAL A 360 25.00 -7.03 -4.26
C VAL A 360 24.00 -7.15 -3.13
N ARG A 361 24.18 -8.16 -2.28
CA ARG A 361 23.40 -8.27 -1.05
C ARG A 361 23.40 -6.94 -0.26
N ARG A 362 24.59 -6.39 -0.05
CA ARG A 362 24.72 -5.18 0.77
C ARG A 362 24.08 -3.94 0.09
N ALA A 363 24.20 -3.86 -1.24
CA ALA A 363 23.54 -2.80 -2.02
C ALA A 363 22.01 -2.89 -1.91
N CYS A 364 21.49 -4.12 -1.98
CA CYS A 364 20.05 -4.37 -1.79
C CYS A 364 19.62 -3.96 -0.37
N GLU A 365 20.38 -4.39 0.63
CA GLU A 365 20.09 -4.07 2.03
C GLU A 365 20.07 -2.58 2.33
N SER A 366 21.00 -1.81 1.76
CA SER A 366 21.03 -0.38 1.99
C SER A 366 19.79 0.32 1.43
N VAL A 367 19.38 -0.06 0.23
CA VAL A 367 18.20 0.52 -0.39
C VAL A 367 16.92 0.20 0.38
N SER A 368 16.75 -1.07 0.73
CA SER A 368 15.62 -1.54 1.56
C SER A 368 15.53 -0.85 2.92
N THR A 369 16.67 -0.74 3.59
CA THR A 369 16.72 -0.21 4.92
C THR A 369 16.37 1.27 4.90
N ARG A 370 16.81 1.97 3.84
CA ARG A 370 16.51 3.38 3.72
C ARG A 370 15.02 3.58 3.49
N ALA A 371 14.42 2.72 2.65
CA ALA A 371 12.98 2.76 2.40
C ALA A 371 12.20 2.57 3.71
N ALA A 372 12.55 1.55 4.47
CA ALA A 372 11.97 1.33 5.81
C ALA A 372 12.15 2.52 6.75
N HIS A 373 13.33 3.16 6.74
CA HIS A 373 13.50 4.35 7.58
C HIS A 373 12.60 5.49 7.15
N MET A 374 12.52 5.75 5.85
CA MET A 374 11.69 6.85 5.36
C MET A 374 10.19 6.65 5.64
N CYS A 375 9.74 5.43 5.42
CA CYS A 375 8.39 5.01 5.72
C CYS A 375 8.04 5.12 7.22
N SER A 376 8.99 4.79 8.10
CA SER A 376 8.75 4.85 9.54
C SER A 376 8.58 6.29 10.05
N ALA A 377 9.27 7.23 9.40
CA ALA A 377 9.18 8.65 9.75
C ALA A 377 7.78 9.21 9.42
N GLY A 378 7.21 8.75 8.31
CA GLY A 378 5.84 9.09 7.96
C GLY A 378 4.87 8.53 8.98
N LEU A 379 4.91 7.20 9.21
CA LEU A 379 4.04 6.60 10.21
C LEU A 379 4.28 7.15 11.61
N ALA A 380 5.53 7.42 11.97
CA ALA A 380 5.80 8.03 13.29
C ALA A 380 5.11 9.39 13.46
N GLY A 381 5.16 10.20 12.41
CA GLY A 381 4.49 11.49 12.39
C GLY A 381 3.00 11.44 12.68
N VAL A 382 2.33 10.47 12.05
CA VAL A 382 0.90 10.21 12.20
C VAL A 382 0.56 9.74 13.63
N ILE A 383 1.35 8.79 14.15
CA ILE A 383 1.10 8.25 15.48
C ILE A 383 1.39 9.25 16.57
N ASN A 384 2.42 10.08 16.38
CA ASN A 384 2.70 11.13 17.36
C ASN A 384 1.65 12.24 17.36
N ARG A 385 1.11 12.56 16.19
CA ARG A 385 0.01 13.49 16.09
C ARG A 385 -1.27 12.97 16.77
N MET A 386 -1.65 11.72 16.49
CA MET A 386 -2.83 11.12 17.14
C MET A 386 -2.70 11.10 18.65
N ARG A 387 -1.48 10.84 19.12
CA ARG A 387 -1.20 10.75 20.54
C ARG A 387 -1.49 12.10 21.23
N GLU A 388 -1.23 13.22 20.56
CA GLU A 388 -1.50 14.54 21.13
C GLU A 388 -2.94 14.74 21.66
N SER A 389 -3.87 13.84 21.29
CA SER A 389 -5.26 13.87 21.76
C SER A 389 -5.70 12.68 22.64
N ARG A 390 -4.75 11.85 23.07
CA ARG A 390 -5.07 10.68 23.88
C ARG A 390 -4.09 10.49 25.02
N VAL A 394 0.85 5.61 28.12
CA VAL A 394 1.01 4.74 26.95
C VAL A 394 -0.25 4.58 26.04
N MET A 395 -0.30 5.31 24.93
CA MET A 395 -1.36 5.13 23.91
C MET A 395 -1.16 3.80 23.20
N ARG A 396 -2.18 2.94 23.23
CA ARG A 396 -2.09 1.63 22.62
C ARG A 396 -2.81 1.65 21.31
N ILE A 397 -2.08 1.37 20.23
CA ILE A 397 -2.68 1.46 18.90
C ILE A 397 -2.25 0.31 18.00
N THR A 398 -3.21 -0.18 17.23
CA THR A 398 -2.92 -1.18 16.22
C THR A 398 -2.88 -0.51 14.83
N VAL A 399 -1.93 -0.96 14.02
CA VAL A 399 -1.77 -0.49 12.65
C VAL A 399 -1.88 -1.70 11.75
N GLY A 400 -2.71 -1.58 10.72
CA GLY A 400 -2.96 -2.63 9.77
C GLY A 400 -2.16 -2.32 8.54
N VAL A 401 -1.41 -3.30 8.04
CA VAL A 401 -0.48 -3.05 6.96
C VAL A 401 -0.65 -4.08 5.86
N ASP A 402 -0.59 -3.64 4.60
CA ASP A 402 -0.59 -4.56 3.47
C ASP A 402 0.44 -4.09 2.42
N GLY A 403 0.64 -4.88 1.38
CA GLY A 403 1.59 -4.55 0.33
C GLY A 403 2.74 -5.54 0.21
N SER A 404 3.12 -5.79 -1.04
CA SER A 404 4.15 -6.77 -1.38
C SER A 404 5.49 -6.49 -0.70
N VAL A 405 5.88 -5.23 -0.66
CA VAL A 405 7.14 -4.84 -0.07
C VAL A 405 7.10 -5.21 1.40
N TYR A 406 5.99 -4.89 2.06
CA TYR A 406 5.87 -5.12 3.48
C TYR A 406 5.71 -6.60 3.83
N LYS A 407 4.90 -7.31 3.03
CA LYS A 407 4.66 -8.72 3.25
C LYS A 407 5.82 -9.61 2.76
N LEU A 408 6.32 -9.33 1.56
CA LEU A 408 7.27 -10.25 0.90
C LEU A 408 8.77 -9.95 1.08
N HIS A 409 9.15 -8.70 1.39
CA HIS A 409 10.57 -8.38 1.57
C HIS A 409 11.08 -8.95 2.91
N PRO A 410 12.17 -9.74 2.86
CA PRO A 410 12.64 -10.57 4.00
C PRO A 410 12.73 -9.87 5.37
N SER A 411 13.37 -8.70 5.46
CA SER A 411 13.52 -8.08 6.77
C SER A 411 12.95 -6.68 6.87
N PHE A 412 12.23 -6.25 5.82
CA PHE A 412 11.68 -4.91 5.75
C PHE A 412 10.73 -4.62 6.91
N LYS A 413 9.76 -5.50 7.13
CA LYS A 413 8.77 -5.24 8.15
C LYS A 413 9.41 -5.09 9.54
N GLU A 414 10.45 -5.88 9.79
CA GLU A 414 11.15 -5.87 11.07
C GLU A 414 11.90 -4.57 11.32
N ARG A 415 12.62 -4.11 10.29
CA ARG A 415 13.38 -2.88 10.37
C ARG A 415 12.45 -1.68 10.49
N PHE A 416 11.39 -1.73 9.70
CA PHE A 416 10.30 -0.78 9.75
C PHE A 416 9.66 -0.69 11.16
N HIS A 417 9.26 -1.83 11.74
CA HIS A 417 8.72 -1.89 13.12
C HIS A 417 9.66 -1.28 14.16
N ALA A 418 10.93 -1.70 14.16
CA ALA A 418 11.92 -1.19 15.11
C ALA A 418 12.15 0.33 14.98
N SER A 419 12.18 0.82 13.75
CA SER A 419 12.34 2.24 13.50
C SER A 419 11.12 3.07 13.95
N VAL A 420 9.92 2.62 13.62
CA VAL A 420 8.67 3.30 14.05
C VAL A 420 8.59 3.38 15.57
N ARG A 421 8.78 2.23 16.25
CA ARG A 421 8.74 2.19 17.70
C ARG A 421 9.78 3.08 18.34
N ARG A 422 10.97 3.16 17.75
CA ARG A 422 12.01 4.07 18.25
C ARG A 422 11.53 5.53 18.24
N LEU A 423 10.74 5.88 17.22
CA LEU A 423 10.33 7.27 17.00
C LEU A 423 9.00 7.66 17.65
N THR A 424 8.39 6.71 18.37
CA THR A 424 7.09 6.93 19.00
C THR A 424 7.08 6.64 20.49
N PRO A 425 7.79 7.46 21.29
CA PRO A 425 7.79 7.24 22.75
C PRO A 425 6.41 7.46 23.40
N SER A 426 6.09 6.62 24.38
CA SER A 426 4.79 6.61 25.08
C SER A 426 3.64 6.09 24.22
N CYS A 427 3.96 5.31 23.19
CA CYS A 427 2.97 4.59 22.40
C CYS A 427 3.34 3.11 22.35
N GLU A 428 2.33 2.24 22.44
CA GLU A 428 2.56 0.82 22.22
C GLU A 428 1.84 0.40 20.94
N ILE A 429 2.64 0.08 19.93
CA ILE A 429 2.12 -0.21 18.60
C ILE A 429 2.11 -1.70 18.27
N THR A 430 0.95 -2.17 17.83
CA THR A 430 0.79 -3.53 17.37
C THR A 430 0.56 -3.44 15.87
N PHE A 431 1.27 -4.28 15.12
CA PHE A 431 1.11 -4.30 13.67
C PHE A 431 0.46 -5.59 13.29
N ILE A 432 -0.60 -5.53 12.48
CA ILE A 432 -1.19 -6.76 11.95
C ILE A 432 -1.37 -6.71 10.45
N GLU A 433 -1.25 -7.87 9.82
CA GLU A 433 -1.61 -8.06 8.43
C GLU A 433 -2.98 -8.69 8.39
N SER A 434 -3.87 -8.12 7.60
CA SER A 434 -5.19 -8.68 7.35
C SER A 434 -5.08 -10.04 6.65
N GLU A 435 -5.79 -11.02 7.17
CA GLU A 435 -5.81 -12.34 6.56
C GLU A 435 -7.25 -12.84 6.41
N GLU A 436 -8.09 -12.49 7.40
CA GLU A 436 -9.54 -12.67 7.29
C GLU A 436 -9.91 -13.99 6.59
N GLY A 437 -9.55 -15.10 7.24
CA GLY A 437 -9.75 -16.44 6.70
C GLY A 437 -11.17 -16.96 6.72
N SER A 438 -12.13 -16.04 6.65
CA SER A 438 -13.53 -16.39 6.51
C SER A 438 -14.29 -15.40 5.63
N GLY A 439 -13.61 -14.31 5.26
CA GLY A 439 -14.19 -13.28 4.41
C GLY A 439 -14.95 -12.19 5.14
N ARG A 440 -15.03 -12.26 6.46
CA ARG A 440 -15.85 -11.28 7.21
C ARG A 440 -15.23 -9.88 7.32
N GLY A 441 -13.91 -9.79 7.38
CA GLY A 441 -13.24 -8.49 7.30
C GLY A 441 -13.51 -7.84 5.95
N ALA A 442 -13.47 -8.65 4.88
CA ALA A 442 -13.77 -8.19 3.51
C ALA A 442 -15.21 -7.74 3.38
N ALA A 443 -16.12 -8.47 4.04
CA ALA A 443 -17.55 -8.14 4.05
C ALA A 443 -17.82 -6.83 4.77
N LEU A 444 -17.11 -6.59 5.86
CA LEU A 444 -17.19 -5.31 6.57
C LEU A 444 -16.70 -4.16 5.68
N VAL A 445 -15.69 -4.42 4.85
CA VAL A 445 -15.20 -3.38 3.94
C VAL A 445 -16.33 -2.99 3.00
N SER A 446 -17.03 -3.98 2.43
CA SER A 446 -18.18 -3.70 1.56
C SER A 446 -19.34 -3.02 2.26
N ALA A 447 -19.54 -3.37 3.54
CA ALA A 447 -20.66 -2.80 4.31
C ALA A 447 -20.47 -1.31 4.44
N VAL A 448 -19.26 -0.92 4.88
CA VAL A 448 -18.89 0.47 5.05
C VAL A 448 -18.98 1.27 3.74
N ALA A 449 -18.45 0.70 2.64
CA ALA A 449 -18.55 1.34 1.32
C ALA A 449 -20.00 1.54 0.84
N CYS A 450 -20.87 0.56 1.12
CA CYS A 450 -22.28 0.66 0.75
C CYS A 450 -23.02 1.68 1.60
N LYS A 451 -22.71 1.75 2.89
CA LYS A 451 -23.34 2.67 3.82
C LYS A 451 -22.95 4.12 3.49
N LYS A 452 -21.68 4.33 3.17
CA LYS A 452 -21.15 5.62 2.78
C LYS A 452 -21.77 6.12 1.45
N ALA A 453 -21.94 5.20 0.50
CA ALA A 453 -22.55 5.54 -0.79
C ALA A 453 -23.99 5.98 -0.59
N CYS A 454 -24.67 5.32 0.34
CA CYS A 454 -26.03 5.63 0.69
C CYS A 454 -26.11 7.00 1.38
N MET A 455 -25.28 7.18 2.40
CA MET A 455 -25.21 8.40 3.17
C MET A 455 -24.91 9.61 2.29
N LEU A 456 -24.10 9.42 1.26
CA LEU A 456 -23.71 10.49 0.35
C LEU A 456 -24.68 10.74 -0.82
N GLY A 457 -25.70 9.88 -0.94
CA GLY A 457 -26.65 9.96 -2.06
C GLY A 457 -26.09 9.30 -3.30
C1 GLC B . -0.51 5.39 -4.58
C2 GLC B . -1.93 5.86 -4.81
C3 GLC B . -2.76 5.68 -3.54
C4 GLC B . -2.66 4.25 -2.97
C5 GLC B . -1.19 3.85 -2.84
C6 GLC B . -0.98 2.38 -2.45
O1 GLC B . 0.12 6.23 -3.64
O2 GLC B . -1.86 7.26 -5.11
O3 GLC B . -4.11 6.07 -3.85
O4 GLC B . -3.27 4.22 -1.69
O5 GLC B . -0.49 4.05 -4.06
O6 GLC B . -1.58 1.56 -3.43
C5 8WM C . -19.12 4.65 8.64
C7 8WM C . -18.55 2.97 10.24
C13 8WM C . -13.83 2.06 10.66
C17 8WM C . -14.96 3.07 12.71
C20 8WM C . -18.04 -0.95 11.88
C21 8WM C . -18.53 -0.42 13.14
C22 8WM C . -19.02 -1.01 14.30
C24 8WM C . -19.28 1.17 15.28
C26 8WM C . -18.41 0.99 13.06
F1 8WM C . -21.59 5.34 5.84
C2 8WM C . -20.66 5.22 6.81
C3 8WM C . -19.80 6.17 7.15
N4 8WM C . -18.98 5.84 8.14
N6 8WM C . -18.34 4.15 9.66
O8 8WM C . -19.45 2.23 9.92
C9 8WM C . -17.58 2.58 11.31
C11 8WM C . -16.23 2.56 10.62
C12 8WM C . -15.09 2.10 11.53
C14 8WM C . -12.63 1.79 11.54
O15 8WM C . -12.61 2.81 12.55
C16 8WM C . -13.69 2.75 13.49
N18 8WM C . -17.89 1.25 11.82
N19 8WM C . -17.69 0.05 11.14
C23 8WM C . -19.41 -0.22 15.36
C25 8WM C . -18.78 1.77 14.15
S27 8WM C . -19.19 -2.76 14.42
O28 8WM C . -20.39 -2.88 15.17
O29 8WM C . -19.10 -3.27 13.09
C30 8WM C . -17.74 -3.36 15.34
C31 8WM C . -17.90 -4.58 16.26
C32 8WM C . -17.18 -4.72 14.91
S33 8WM C . -20.42 3.81 7.81
I IOD D . -12.09 6.42 0.60
#